data_2XC3
#
_entry.id   2XC3
#
_cell.length_a   54.356
_cell.length_b   76.399
_cell.length_c   90.407
_cell.angle_alpha   90.00
_cell.angle_beta   90.00
_cell.angle_gamma   90.00
#
_symmetry.space_group_name_H-M   'P 21 21 21'
#
loop_
_entity.id
_entity.type
_entity.pdbx_description
1 polymer 'PUTATIVE CYTOCHROME P450 125'
2 non-polymer 'PROTOPORPHYRIN IX CONTAINING FE'
3 non-polymer NALPHA-[(TRANS-4-METHYLCYCLOHEXYL)CARBONYL]-N-PYRIDIN-4-YL-D-TRYPTOPHANAMIDE
4 water water
#
_entity_poly.entity_id   1
_entity_poly.type   'polypeptide(L)'
_entity_poly.pdbx_seq_one_letter_code
;MHHHHHHMPSPNLPPGFDFTDPAIYAERLPVAEFAELRSAAPIWWNGQDPGKGGGFHDGGFWAITKLNDVKEISRHSDVF
SSYENGVIPRFKNDIAREDIEVQRFVMLNMDAPHHTRLRKIISRGFTPRAVGRLHDELQERAQKIAAEAAAAGSGDFVEQ
VSCELPLQAIAGLLGVPQEDRGKLFHWSNEMTGNEDPEYAHIDPKASSAELIGYAMKMAEEKAKNPADDIVTQLIQADID
GEKLSDDEFGFFVVMLAVAGNETTRNSITQGMMAFAEHPDQWELYKKVRPETAADEIVRWATPVTAFQRTALRDYELSGV
QIKKGQRVVMFYRSANFDEEVFQDPFTFNILRNPNPHVGFGGTGAHYCIGANLARMTINLIFNAVADHMPDLKPISAPER
LRSGWLNGIKHWQVDYTGRLPVAH
;
_entity_poly.pdbx_strand_id   A
#
# COMPACT_ATOMS: atom_id res chain seq x y z
N SER A 10 5.27 1.00 31.35
CA SER A 10 5.13 2.33 30.73
C SER A 10 6.20 2.44 29.64
N PRO A 11 5.84 2.65 28.32
CA PRO A 11 6.94 2.95 27.38
C PRO A 11 7.35 4.39 27.45
N ASN A 12 8.56 4.68 27.00
CA ASN A 12 9.08 6.06 26.98
C ASN A 12 8.75 6.78 25.70
N LEU A 13 7.61 7.48 25.74
CA LEU A 13 7.16 8.31 24.65
C LEU A 13 6.69 9.66 25.19
N PRO A 14 6.59 10.66 24.31
CA PRO A 14 6.10 11.96 24.71
C PRO A 14 4.65 11.89 25.15
N PRO A 15 4.25 12.73 26.08
CA PRO A 15 2.84 12.72 26.46
C PRO A 15 1.91 13.02 25.29
N GLY A 16 0.86 12.22 25.21
CA GLY A 16 -0.13 12.34 24.17
C GLY A 16 0.32 11.90 22.77
N PHE A 17 1.51 11.28 22.65
CA PHE A 17 1.95 10.88 21.31
C PHE A 17 0.89 10.01 20.64
N ASP A 18 0.70 10.19 19.33
CA ASP A 18 -0.30 9.41 18.61
C ASP A 18 0.41 8.88 17.35
N PHE A 19 0.52 7.56 17.26
CA PHE A 19 1.25 6.95 16.10
C PHE A 19 0.51 7.10 14.78
N THR A 20 -0.76 7.61 14.81
CA THR A 20 -1.47 7.87 13.53
C THR A 20 -1.48 9.37 13.16
N ASP A 21 -0.71 10.19 13.88
CA ASP A 21 -0.68 11.63 13.62
C ASP A 21 -0.01 11.94 12.26
N PRO A 22 -0.78 12.47 11.31
CA PRO A 22 -0.18 12.72 9.95
C PRO A 22 0.99 13.70 10.04
N ALA A 23 1.07 14.55 11.09
CA ALA A 23 2.14 15.55 11.13
C ALA A 23 3.49 14.82 11.33
N ILE A 24 3.48 13.64 11.95
CA ILE A 24 4.73 12.84 12.07
C ILE A 24 5.20 12.43 10.66
N TYR A 25 4.33 11.79 9.91
CA TYR A 25 4.69 11.14 8.63
C TYR A 25 5.03 12.18 7.57
N ALA A 26 4.52 13.40 7.68
CA ALA A 26 4.95 14.43 6.70
C ALA A 26 6.46 14.68 6.82
N GLU A 27 7.08 14.33 7.93
CA GLU A 27 8.49 14.56 8.11
C GLU A 27 9.33 13.31 8.20
N ARG A 28 8.81 12.24 8.80
CA ARG A 28 9.65 11.08 9.11
C ARG A 28 8.78 9.88 9.42
N LEU A 29 9.40 8.70 9.49
CA LEU A 29 8.73 7.52 10.08
C LEU A 29 9.18 7.47 11.53
N PRO A 30 8.25 7.10 12.46
CA PRO A 30 8.59 7.15 13.90
C PRO A 30 9.26 5.83 14.32
N VAL A 31 10.43 5.56 13.70
CA VAL A 31 11.10 4.31 13.87
C VAL A 31 11.54 4.07 15.32
N ALA A 32 12.16 5.09 15.94
CA ALA A 32 12.55 4.97 17.31
C ALA A 32 11.36 4.65 18.21
N GLU A 33 10.22 5.33 17.97
CA GLU A 33 9.06 5.15 18.84
C GLU A 33 8.50 3.74 18.70
N PHE A 34 8.46 3.18 17.46
CA PHE A 34 8.02 1.78 17.30
C PHE A 34 9.00 0.84 17.99
N ALA A 35 10.30 1.11 17.88
CA ALA A 35 11.27 0.22 18.52
C ALA A 35 11.09 0.23 20.07
N GLU A 36 10.80 1.39 20.64
CA GLU A 36 10.50 1.54 22.08
C GLU A 36 9.33 0.69 22.44
N LEU A 37 8.23 0.77 21.66
CA LEU A 37 7.07 -0.12 21.97
C LEU A 37 7.43 -1.61 21.89
N ARG A 38 8.11 -2.02 20.82
CA ARG A 38 8.39 -3.48 20.73
C ARG A 38 9.13 -4.00 21.96
N SER A 39 10.01 -3.13 22.46
CA SER A 39 10.94 -3.44 23.55
C SER A 39 10.17 -3.46 24.86
N ALA A 40 9.35 -2.41 25.07
CA ALA A 40 8.82 -2.09 26.38
C ALA A 40 7.31 -2.23 26.56
N ALA A 41 6.51 -2.14 25.50
CA ALA A 41 5.02 -2.18 25.64
C ALA A 41 4.50 -2.54 24.25
N PRO A 42 4.67 -3.84 23.90
CA PRO A 42 4.46 -4.21 22.49
C PRO A 42 2.98 -4.14 22.09
N ILE A 43 2.05 -4.13 23.07
CA ILE A 43 0.64 -3.76 22.76
C ILE A 43 0.35 -2.63 23.71
N TRP A 44 0.07 -1.47 23.16
CA TRP A 44 0.05 -0.27 23.97
C TRP A 44 -1.18 0.56 23.66
N TRP A 45 -1.87 1.06 24.72
CA TRP A 45 -3.05 1.90 24.46
C TRP A 45 -2.61 3.31 24.08
N ASN A 46 -2.93 3.68 22.82
CA ASN A 46 -2.61 4.98 22.26
C ASN A 46 -3.89 5.80 22.49
N GLY A 47 -3.94 6.56 23.58
CA GLY A 47 -5.12 7.42 23.78
C GLY A 47 -5.17 8.54 22.78
N GLN A 48 -6.40 8.95 22.51
CA GLN A 48 -6.63 10.11 21.60
C GLN A 48 -7.65 11.03 22.28
N ASP A 49 -7.28 12.31 22.37
CA ASP A 49 -8.17 13.29 22.97
C ASP A 49 -9.45 13.46 22.15
N PRO A 50 -10.54 13.93 22.79
CA PRO A 50 -11.78 14.09 22.00
C PRO A 50 -11.55 15.07 20.85
N GLY A 51 -12.05 14.69 19.67
CA GLY A 51 -11.89 15.54 18.50
C GLY A 51 -10.53 15.39 17.84
N LYS A 52 -9.67 14.52 18.38
CA LYS A 52 -8.33 14.34 17.80
C LYS A 52 -8.08 12.91 17.38
N GLY A 53 -9.16 12.16 17.12
CA GLY A 53 -9.02 10.72 16.83
C GLY A 53 -9.06 10.37 15.35
N GLY A 54 -8.84 11.35 14.47
CA GLY A 54 -8.80 11.02 13.05
C GLY A 54 -10.11 10.50 12.48
N GLY A 55 -11.22 11.01 13.02
CA GLY A 55 -12.54 10.56 12.58
C GLY A 55 -13.22 9.55 13.46
N PHE A 56 -12.44 8.97 14.38
CA PHE A 56 -12.96 7.98 15.39
C PHE A 56 -13.12 8.71 16.73
N HIS A 57 -14.17 8.33 17.45
CA HIS A 57 -14.59 9.10 18.63
C HIS A 57 -14.67 8.15 19.81
N ASP A 58 -13.67 7.28 19.91
CA ASP A 58 -13.75 6.15 20.86
C ASP A 58 -12.63 6.22 21.89
N GLY A 59 -11.85 7.32 21.91
CA GLY A 59 -10.87 7.54 22.96
C GLY A 59 -9.48 6.97 22.67
N GLY A 60 -9.31 6.29 21.53
CA GLY A 60 -7.97 5.78 21.19
C GLY A 60 -8.05 4.36 20.67
N PHE A 61 -6.89 3.71 20.63
CA PHE A 61 -6.80 2.37 19.99
C PHE A 61 -5.60 1.64 20.59
N TRP A 62 -5.59 0.32 20.44
CA TRP A 62 -4.37 -0.48 20.78
C TRP A 62 -3.34 -0.44 19.64
N ALA A 63 -2.14 0.01 19.90
CA ALA A 63 -1.08 -0.06 18.93
C ALA A 63 -0.45 -1.45 18.95
N ILE A 64 -0.47 -2.12 17.82
CA ILE A 64 0.08 -3.48 17.69
C ILE A 64 1.38 -3.38 16.91
N THR A 65 2.47 -3.82 17.55
CA THR A 65 3.82 -3.52 17.06
C THR A 65 4.66 -4.76 16.74
N LYS A 66 4.20 -5.95 17.12
CA LYS A 66 4.98 -7.19 16.95
C LYS A 66 4.34 -8.01 15.79
N LEU A 67 5.19 -8.69 15.06
CA LEU A 67 4.74 -9.41 13.85
C LEU A 67 3.76 -10.55 14.25
N ASN A 68 4.06 -11.26 15.32
CA ASN A 68 3.16 -12.38 15.68
C ASN A 68 1.74 -11.90 15.99
N ASP A 69 1.64 -10.75 16.63
CA ASP A 69 0.31 -10.21 16.97
C ASP A 69 -0.42 -9.71 15.71
N VAL A 70 0.35 -9.13 14.76
CA VAL A 70 -0.29 -8.75 13.51
C VAL A 70 -0.84 -10.00 12.81
N LYS A 71 -0.08 -11.11 12.80
CA LYS A 71 -0.62 -12.35 12.21
C LYS A 71 -1.82 -12.88 12.95
N GLU A 72 -1.81 -12.85 14.29
CA GLU A 72 -2.95 -13.44 15.02
C GLU A 72 -4.20 -12.62 14.76
N ILE A 73 -4.10 -11.27 14.79
CA ILE A 73 -5.30 -10.44 14.51
C ILE A 73 -5.79 -10.71 13.07
N SER A 74 -4.83 -10.81 12.12
CA SER A 74 -5.22 -11.00 10.72
C SER A 74 -5.94 -12.33 10.50
N ARG A 75 -5.53 -13.40 11.22
CA ARG A 75 -6.17 -14.69 11.12
C ARG A 75 -7.62 -14.64 11.63
N HIS A 76 -7.84 -13.98 12.77
CA HIS A 76 -9.13 -14.07 13.48
C HIS A 76 -10.06 -12.97 13.07
N SER A 77 -10.48 -13.04 11.81
N SER A 77 -10.46 -13.04 11.79
CA SER A 77 -11.31 -11.98 11.20
CA SER A 77 -11.32 -12.01 11.15
C SER A 77 -12.76 -12.05 11.67
C SER A 77 -12.76 -12.07 11.65
N ASP A 78 -13.13 -13.14 12.35
CA ASP A 78 -14.46 -13.23 13.01
C ASP A 78 -14.52 -12.30 14.24
N VAL A 79 -13.40 -12.13 14.93
CA VAL A 79 -13.29 -11.29 16.10
C VAL A 79 -12.83 -9.87 15.66
N PHE A 80 -11.82 -9.82 14.81
CA PHE A 80 -11.18 -8.54 14.43
C PHE A 80 -11.72 -8.08 13.06
N SER A 81 -12.78 -7.28 13.16
CA SER A 81 -13.59 -6.87 12.01
C SER A 81 -12.98 -5.77 11.15
N SER A 82 -13.00 -5.96 9.83
CA SER A 82 -12.68 -4.87 8.89
C SER A 82 -13.89 -3.94 8.64
N TYR A 83 -15.09 -4.53 8.59
CA TYR A 83 -16.30 -3.76 8.30
C TYR A 83 -16.63 -2.74 9.39
N GLU A 84 -16.43 -3.06 10.68
CA GLU A 84 -17.08 -2.28 11.71
C GLU A 84 -16.66 -0.80 11.67
N ASN A 85 -15.37 -0.55 11.47
CA ASN A 85 -14.87 0.83 11.41
C ASN A 85 -14.05 1.07 10.15
N GLY A 86 -14.11 0.17 9.17
CA GLY A 86 -13.15 0.21 8.05
C GLY A 86 -11.73 -0.08 8.57
N VAL A 87 -10.79 -0.13 7.62
CA VAL A 87 -9.43 -0.50 7.98
C VAL A 87 -8.47 0.69 7.99
N ILE A 88 -8.91 1.86 7.52
CA ILE A 88 -8.00 3.03 7.52
C ILE A 88 -8.10 3.69 8.92
N PRO A 89 -6.94 3.90 9.58
CA PRO A 89 -7.03 4.33 11.00
C PRO A 89 -6.95 5.86 11.18
N ARG A 90 -6.89 6.62 10.08
CA ARG A 90 -6.83 8.08 10.24
C ARG A 90 -7.42 8.80 9.05
N PHE A 91 -8.39 9.67 9.33
CA PHE A 91 -8.87 10.70 8.39
C PHE A 91 -8.72 12.09 8.99
N LYS A 92 -9.17 13.10 8.24
CA LYS A 92 -9.29 14.46 8.81
C LYS A 92 -10.22 14.34 10.05
N ASN A 93 -9.90 15.08 11.10
CA ASN A 93 -10.61 14.94 12.38
C ASN A 93 -12.09 15.23 12.27
N ASP A 94 -12.48 16.07 11.34
CA ASP A 94 -13.91 16.41 11.23
C ASP A 94 -14.71 15.57 10.21
N ILE A 95 -14.13 14.45 9.73
CA ILE A 95 -14.84 13.66 8.72
C ILE A 95 -16.18 13.16 9.27
N ALA A 96 -17.22 13.21 8.44
CA ALA A 96 -18.50 12.65 8.77
C ALA A 96 -18.47 11.16 8.83
N ARG A 97 -19.21 10.57 9.77
CA ARG A 97 -19.24 9.08 9.94
C ARG A 97 -19.62 8.42 8.62
N GLU A 98 -20.56 8.98 7.85
CA GLU A 98 -20.98 8.34 6.64
C GLU A 98 -19.83 8.22 5.64
N ASP A 99 -18.84 9.10 5.68
CA ASP A 99 -17.72 9.00 4.74
C ASP A 99 -16.73 7.96 5.16
N ILE A 100 -16.72 7.57 6.46
CA ILE A 100 -15.96 6.39 6.87
C ILE A 100 -16.74 5.17 6.42
N GLU A 101 -18.07 5.15 6.59
CA GLU A 101 -18.81 3.93 6.33
C GLU A 101 -18.94 3.59 4.85
N VAL A 102 -18.81 4.59 3.98
CA VAL A 102 -18.94 4.33 2.52
C VAL A 102 -17.82 3.41 2.04
N GLN A 103 -16.73 3.34 2.80
CA GLN A 103 -15.64 2.37 2.48
C GLN A 103 -16.14 0.94 2.43
N ARG A 104 -17.27 0.66 3.13
CA ARG A 104 -17.81 -0.69 3.19
C ARG A 104 -18.24 -1.25 1.82
N PHE A 105 -18.34 -0.37 0.80
CA PHE A 105 -18.68 -0.82 -0.55
C PHE A 105 -17.54 -1.53 -1.28
N VAL A 106 -16.31 -1.45 -0.76
CA VAL A 106 -15.23 -2.21 -1.36
C VAL A 106 -14.85 -3.38 -0.46
N MET A 107 -14.35 -4.45 -1.07
CA MET A 107 -14.18 -5.71 -0.34
C MET A 107 -13.20 -5.65 0.84
N LEU A 108 -12.24 -4.73 0.78
CA LEU A 108 -11.25 -4.58 1.89
C LEU A 108 -11.97 -4.26 3.22
N ASN A 109 -13.15 -3.62 3.16
CA ASN A 109 -13.84 -3.19 4.37
C ASN A 109 -15.11 -4.01 4.58
N MET A 110 -15.07 -5.28 4.10
CA MET A 110 -16.20 -6.23 4.35
C MET A 110 -15.71 -7.38 5.20
N ASP A 111 -16.64 -7.97 5.95
CA ASP A 111 -16.42 -9.21 6.66
C ASP A 111 -17.15 -10.36 5.95
N ALA A 112 -16.90 -11.59 6.38
CA ALA A 112 -17.72 -12.73 5.98
C ALA A 112 -19.17 -12.46 6.44
N PRO A 113 -20.16 -12.88 5.65
CA PRO A 113 -20.03 -13.65 4.41
C PRO A 113 -19.77 -12.83 3.14
N HIS A 114 -20.07 -11.54 3.16
CA HIS A 114 -19.98 -10.78 1.92
C HIS A 114 -18.58 -10.75 1.34
N HIS A 115 -17.58 -10.58 2.20
CA HIS A 115 -16.19 -10.57 1.76
C HIS A 115 -15.80 -11.91 1.12
N THR A 116 -16.21 -13.02 1.72
CA THR A 116 -15.78 -14.37 1.29
C THR A 116 -16.22 -14.64 -0.16
N ARG A 117 -17.45 -14.28 -0.49
CA ARG A 117 -18.00 -14.47 -1.82
C ARG A 117 -17.19 -13.60 -2.79
N LEU A 118 -16.97 -12.33 -2.47
CA LEU A 118 -16.28 -11.47 -3.41
C LEU A 118 -14.85 -11.94 -3.61
N ARG A 119 -14.17 -12.33 -2.56
CA ARG A 119 -12.76 -12.74 -2.67
C ARG A 119 -12.65 -13.99 -3.53
N LYS A 120 -13.58 -14.94 -3.38
CA LYS A 120 -13.49 -16.15 -4.17
C LYS A 120 -13.70 -15.80 -5.65
N ILE A 121 -14.62 -14.90 -5.94
CA ILE A 121 -14.86 -14.56 -7.36
C ILE A 121 -13.67 -13.83 -7.97
N ILE A 122 -13.15 -12.81 -7.26
CA ILE A 122 -12.07 -11.95 -7.73
C ILE A 122 -10.72 -12.64 -7.83
N SER A 123 -10.52 -13.68 -7.02
CA SER A 123 -9.24 -14.41 -7.07
C SER A 123 -8.96 -14.92 -8.52
N ARG A 124 -10.03 -15.15 -9.32
CA ARG A 124 -9.94 -15.50 -10.77
C ARG A 124 -9.05 -14.50 -11.57
N GLY A 125 -8.98 -13.27 -11.11
CA GLY A 125 -8.33 -12.24 -11.90
C GLY A 125 -6.85 -12.18 -11.58
N PHE A 126 -6.46 -12.98 -10.58
CA PHE A 126 -5.09 -12.95 -10.10
C PHE A 126 -4.44 -14.34 -10.17
N THR A 127 -4.90 -15.16 -11.11
CA THR A 127 -4.27 -16.46 -11.35
C THR A 127 -2.86 -16.25 -11.90
N PRO A 128 -2.02 -17.33 -11.82
CA PRO A 128 -0.67 -17.25 -12.41
C PRO A 128 -0.75 -16.87 -13.83
N ARG A 129 -1.72 -17.43 -14.57
CA ARG A 129 -1.78 -17.11 -15.97
C ARG A 129 -2.17 -15.66 -16.14
N ALA A 130 -3.12 -15.16 -15.35
CA ALA A 130 -3.61 -13.79 -15.56
C ALA A 130 -2.51 -12.80 -15.35
N VAL A 131 -1.74 -12.96 -14.28
CA VAL A 131 -0.69 -12.03 -13.99
C VAL A 131 0.49 -12.17 -15.00
N GLY A 132 0.84 -13.42 -15.35
CA GLY A 132 1.91 -13.67 -16.34
C GLY A 132 1.62 -13.08 -17.67
N ARG A 133 0.35 -13.01 -18.02
CA ARG A 133 -0.01 -12.47 -19.35
C ARG A 133 0.34 -10.98 -19.42
N LEU A 134 0.56 -10.31 -18.30
CA LEU A 134 0.90 -8.89 -18.30
C LEU A 134 2.40 -8.66 -18.37
N HIS A 135 3.20 -9.71 -18.16
CA HIS A 135 4.65 -9.50 -17.95
C HIS A 135 5.31 -8.74 -19.14
N ASP A 136 5.10 -9.23 -20.35
CA ASP A 136 5.88 -8.69 -21.46
C ASP A 136 5.53 -7.24 -21.71
N GLU A 137 4.23 -6.88 -21.62
CA GLU A 137 3.87 -5.46 -21.83
C GLU A 137 4.44 -4.61 -20.71
N LEU A 138 4.35 -5.09 -19.45
CA LEU A 138 4.94 -4.30 -18.37
C LEU A 138 6.47 -4.18 -18.51
N GLN A 139 7.15 -5.22 -18.98
CA GLN A 139 8.60 -5.18 -19.14
C GLN A 139 8.92 -4.12 -20.22
N GLU A 140 8.21 -4.13 -21.33
CA GLU A 140 8.49 -3.11 -22.37
C GLU A 140 8.24 -1.70 -21.82
N ARG A 141 7.12 -1.55 -21.12
CA ARG A 141 6.76 -0.25 -20.57
C ARG A 141 7.82 0.23 -19.55
N ALA A 142 8.32 -0.70 -18.70
CA ALA A 142 9.32 -0.36 -17.73
C ALA A 142 10.61 0.15 -18.43
N GLN A 143 11.00 -0.54 -19.51
CA GLN A 143 12.17 -0.18 -20.24
C GLN A 143 12.03 1.24 -20.76
N LYS A 144 10.89 1.56 -21.37
CA LYS A 144 10.74 2.93 -21.89
C LYS A 144 10.66 3.99 -20.78
N ILE A 145 10.00 3.65 -19.65
CA ILE A 145 9.94 4.62 -18.54
C ILE A 145 11.37 4.96 -18.10
N ALA A 146 12.20 3.94 -17.91
CA ALA A 146 13.56 4.19 -17.37
C ALA A 146 14.41 4.88 -18.43
N ALA A 147 14.27 4.48 -19.69
CA ALA A 147 15.05 5.16 -20.72
C ALA A 147 14.72 6.63 -20.90
N GLU A 148 13.42 6.95 -20.88
N GLU A 148 13.43 6.95 -20.87
CA GLU A 148 12.97 8.34 -21.02
CA GLU A 148 12.99 8.34 -21.03
C GLU A 148 13.44 9.20 -19.85
C GLU A 148 13.41 9.21 -19.85
N ALA A 149 13.35 8.65 -18.66
CA ALA A 149 13.83 9.38 -17.46
C ALA A 149 15.37 9.58 -17.61
N ALA A 150 16.11 8.53 -17.95
CA ALA A 150 17.59 8.63 -18.05
C ALA A 150 17.93 9.74 -19.09
N ALA A 151 17.21 9.77 -20.21
CA ALA A 151 17.49 10.74 -21.25
C ALA A 151 17.28 12.22 -20.77
N ALA A 152 16.36 12.43 -19.81
CA ALA A 152 16.12 13.73 -19.22
C ALA A 152 17.23 14.24 -18.30
N GLY A 153 18.17 13.38 -17.94
CA GLY A 153 19.31 13.70 -17.09
C GLY A 153 18.98 13.68 -15.62
N SER A 154 18.07 14.56 -15.24
CA SER A 154 17.65 14.66 -13.80
C SER A 154 16.20 15.07 -13.74
N GLY A 155 15.55 14.76 -12.63
CA GLY A 155 14.15 15.07 -12.54
C GLY A 155 13.60 14.46 -11.27
N ASP A 156 12.29 14.53 -11.15
CA ASP A 156 11.60 13.91 -9.99
C ASP A 156 11.38 12.43 -10.22
N PHE A 157 12.14 11.61 -9.49
CA PHE A 157 12.08 10.16 -9.65
C PHE A 157 10.65 9.65 -9.45
N VAL A 158 9.92 10.25 -8.48
CA VAL A 158 8.56 9.75 -8.22
C VAL A 158 7.71 9.83 -9.50
N GLU A 159 7.70 11.01 -10.12
CA GLU A 159 6.90 11.21 -11.29
C GLU A 159 7.49 10.48 -12.49
N GLN A 160 8.78 10.52 -12.68
CA GLN A 160 9.33 10.02 -13.95
C GLN A 160 9.66 8.54 -13.93
N VAL A 161 9.80 7.93 -12.76
CA VAL A 161 10.16 6.52 -12.65
C VAL A 161 9.10 5.72 -11.88
N SER A 162 8.61 6.22 -10.73
CA SER A 162 7.77 5.35 -9.88
C SER A 162 6.29 5.28 -10.29
N CYS A 163 5.79 6.39 -10.85
N CYS A 163 5.75 6.38 -10.83
CA CYS A 163 4.37 6.58 -11.01
CA CYS A 163 4.30 6.49 -10.96
C CYS A 163 3.69 5.66 -12.04
C CYS A 163 3.68 5.59 -12.04
N GLU A 164 4.27 5.55 -13.23
CA GLU A 164 3.53 5.03 -14.34
C GLU A 164 3.30 3.51 -14.31
N LEU A 165 4.33 2.72 -13.94
CA LEU A 165 4.15 1.29 -14.12
C LEU A 165 3.00 0.69 -13.25
N PRO A 166 2.87 1.08 -11.97
CA PRO A 166 1.69 0.55 -11.19
C PRO A 166 0.39 0.84 -11.93
N LEU A 167 0.27 2.06 -12.49
CA LEU A 167 -0.96 2.40 -13.19
C LEU A 167 -1.17 1.58 -14.46
N GLN A 168 -0.09 1.33 -15.20
CA GLN A 168 -0.18 0.45 -16.36
C GLN A 168 -0.46 -1.01 -16.01
N ALA A 169 -0.04 -1.45 -14.80
CA ALA A 169 -0.35 -2.80 -14.32
C ALA A 169 -1.87 -2.94 -14.10
N ILE A 170 -2.46 -1.88 -13.48
CA ILE A 170 -3.92 -1.91 -13.28
C ILE A 170 -4.65 -1.88 -14.62
N ALA A 171 -4.17 -1.00 -15.50
CA ALA A 171 -4.82 -0.83 -16.80
C ALA A 171 -4.71 -2.16 -17.60
N GLY A 172 -3.53 -2.79 -17.56
CA GLY A 172 -3.34 -4.04 -18.30
C GLY A 172 -4.22 -5.16 -17.75
N LEU A 173 -4.26 -5.26 -16.42
CA LEU A 173 -5.05 -6.33 -15.78
C LEU A 173 -6.54 -6.23 -16.21
N LEU A 174 -7.02 -4.99 -16.30
CA LEU A 174 -8.43 -4.76 -16.61
C LEU A 174 -8.71 -4.68 -18.09
N GLY A 175 -7.67 -4.67 -18.91
CA GLY A 175 -7.87 -4.47 -20.35
C GLY A 175 -8.44 -3.13 -20.72
N VAL A 176 -7.92 -2.09 -20.08
CA VAL A 176 -8.42 -0.74 -20.34
C VAL A 176 -7.85 -0.31 -21.69
N PRO A 177 -8.72 0.13 -22.65
CA PRO A 177 -8.24 0.65 -23.94
C PRO A 177 -7.17 1.71 -23.77
N GLN A 178 -6.13 1.70 -24.65
CA GLN A 178 -5.04 2.66 -24.55
C GLN A 178 -5.57 4.09 -24.49
N GLU A 179 -6.62 4.37 -25.26
CA GLU A 179 -7.11 5.73 -25.33
C GLU A 179 -7.81 6.19 -24.07
N ASP A 180 -8.17 5.27 -23.17
CA ASP A 180 -8.83 5.63 -21.92
C ASP A 180 -7.85 5.66 -20.72
N ARG A 181 -6.60 5.28 -20.96
CA ARG A 181 -5.67 5.20 -19.80
C ARG A 181 -5.35 6.54 -19.13
N GLY A 182 -5.16 7.60 -19.93
CA GLY A 182 -4.91 8.89 -19.35
C GLY A 182 -6.00 9.31 -18.38
N LYS A 183 -7.28 9.16 -18.78
CA LYS A 183 -8.37 9.58 -17.87
C LYS A 183 -8.47 8.64 -16.65
N LEU A 184 -8.24 7.33 -16.85
CA LEU A 184 -8.27 6.39 -15.73
C LEU A 184 -7.20 6.77 -14.73
N PHE A 185 -6.03 7.13 -15.24
CA PHE A 185 -4.85 7.45 -14.36
C PHE A 185 -5.08 8.76 -13.62
N HIS A 186 -5.74 9.71 -14.26
CA HIS A 186 -6.03 10.95 -13.60
C HIS A 186 -7.04 10.74 -12.45
N TRP A 187 -8.09 9.93 -12.67
CA TRP A 187 -9.01 9.62 -11.55
C TRP A 187 -8.27 8.89 -10.45
N SER A 188 -7.52 7.85 -10.83
CA SER A 188 -6.85 7.02 -9.80
C SER A 188 -5.94 7.89 -8.96
N ASN A 189 -5.23 8.86 -9.57
CA ASN A 189 -4.28 9.65 -8.79
C ASN A 189 -4.95 10.66 -7.88
N GLU A 190 -6.23 10.83 -8.02
CA GLU A 190 -6.97 11.65 -7.06
C GLU A 190 -7.73 10.93 -5.95
N MET A 191 -7.64 9.62 -5.90
N MET A 191 -7.72 9.60 -5.98
CA MET A 191 -8.58 8.90 -5.11
CA MET A 191 -8.64 8.78 -5.18
C MET A 191 -8.18 8.38 -3.75
C MET A 191 -8.20 8.34 -3.78
N THR A 192 -6.89 8.16 -3.53
CA THR A 192 -6.48 7.77 -2.18
C THR A 192 -6.25 9.05 -1.39
N GLY A 193 -7.06 9.24 -0.39
CA GLY A 193 -7.05 10.58 0.19
C GLY A 193 -5.84 10.71 1.09
N ASN A 194 -5.41 11.95 1.34
CA ASN A 194 -4.36 12.20 2.32
C ASN A 194 -4.69 13.54 2.93
N GLU A 195 -3.86 13.97 3.85
CA GLU A 195 -4.13 15.19 4.46
C GLU A 195 -3.03 16.13 4.11
N ASP A 196 -2.54 16.06 2.87
CA ASP A 196 -1.34 16.86 2.54
C ASP A 196 -1.80 18.18 1.88
N PRO A 197 -1.16 19.29 2.25
CA PRO A 197 -1.61 20.55 1.65
C PRO A 197 -1.39 20.63 0.14
N GLU A 198 -0.44 19.86 -0.38
CA GLU A 198 -0.16 19.90 -1.83
C GLU A 198 -1.37 19.39 -2.62
N TYR A 199 -2.25 18.57 -1.98
CA TYR A 199 -3.40 17.98 -2.66
C TYR A 199 -4.73 18.36 -2.02
N ALA A 200 -4.70 19.40 -1.15
CA ALA A 200 -5.88 19.80 -0.41
C ALA A 200 -7.04 20.21 -1.31
N HIS A 201 -6.71 20.65 -2.53
CA HIS A 201 -7.77 21.10 -3.45
C HIS A 201 -8.42 20.00 -4.25
N ILE A 202 -7.89 18.77 -4.12
CA ILE A 202 -8.40 17.63 -4.88
C ILE A 202 -9.58 17.04 -4.15
N ASP A 203 -10.56 16.60 -4.92
CA ASP A 203 -11.75 16.00 -4.35
C ASP A 203 -11.79 14.48 -4.64
N PRO A 204 -11.33 13.57 -3.71
CA PRO A 204 -11.32 12.14 -4.08
C PRO A 204 -12.70 11.53 -4.39
N LYS A 205 -13.77 12.08 -3.81
N LYS A 205 -13.77 12.07 -3.81
CA LYS A 205 -15.15 11.57 -4.07
CA LYS A 205 -15.10 11.45 -4.05
C LYS A 205 -15.56 11.65 -5.53
C LYS A 205 -15.61 11.67 -5.51
N ALA A 206 -15.33 12.82 -6.13
CA ALA A 206 -15.77 13.07 -7.49
C ALA A 206 -15.05 12.13 -8.44
N SER A 207 -13.75 11.95 -8.25
CA SER A 207 -12.99 11.01 -9.11
C SER A 207 -13.43 9.57 -8.92
N SER A 208 -13.71 9.18 -7.65
CA SER A 208 -14.19 7.80 -7.39
C SER A 208 -15.50 7.57 -8.17
N ALA A 209 -16.41 8.56 -8.12
CA ALA A 209 -17.70 8.44 -8.80
C ALA A 209 -17.51 8.29 -10.32
N GLU A 210 -16.61 9.10 -10.87
CA GLU A 210 -16.36 8.99 -12.33
C GLU A 210 -15.79 7.60 -12.69
N LEU A 211 -14.88 7.06 -11.86
CA LEU A 211 -14.33 5.77 -12.13
C LEU A 211 -15.39 4.66 -12.04
N ILE A 212 -16.29 4.76 -11.07
CA ILE A 212 -17.36 3.76 -10.97
C ILE A 212 -18.22 3.73 -12.22
N GLY A 213 -18.61 4.92 -12.69
CA GLY A 213 -19.39 4.99 -13.91
C GLY A 213 -18.65 4.34 -15.07
N TYR A 214 -17.37 4.69 -15.23
CA TYR A 214 -16.58 4.15 -16.35
C TYR A 214 -16.55 2.59 -16.23
N ALA A 215 -16.37 2.10 -15.01
CA ALA A 215 -16.17 0.64 -14.85
C ALA A 215 -17.47 -0.13 -15.11
N MET A 216 -18.59 0.44 -14.63
CA MET A 216 -19.91 -0.22 -14.83
C MET A 216 -20.21 -0.33 -16.33
N LYS A 217 -19.86 0.71 -17.08
CA LYS A 217 -20.00 0.63 -18.50
C LYS A 217 -19.08 -0.38 -19.13
N MET A 218 -17.83 -0.47 -18.62
CA MET A 218 -16.87 -1.49 -19.09
C MET A 218 -17.52 -2.85 -18.96
N ALA A 219 -18.18 -3.12 -17.84
CA ALA A 219 -18.82 -4.42 -17.61
C ALA A 219 -19.93 -4.63 -18.62
N GLU A 220 -20.72 -3.58 -18.85
CA GLU A 220 -21.82 -3.65 -19.80
C GLU A 220 -21.27 -4.01 -21.19
N GLU A 221 -20.20 -3.34 -21.60
CA GLU A 221 -19.62 -3.51 -22.94
C GLU A 221 -18.87 -4.83 -23.12
N LYS A 222 -18.11 -5.24 -22.10
CA LYS A 222 -17.35 -6.48 -22.23
C LYS A 222 -18.26 -7.67 -22.24
N ALA A 223 -19.49 -7.51 -21.73
CA ALA A 223 -20.53 -8.54 -21.83
C ALA A 223 -20.87 -8.83 -23.33
N ASP A 229 -10.57 -10.67 -20.92
CA ASP A 229 -9.57 -11.31 -20.06
C ASP A 229 -10.15 -11.68 -18.70
N ILE A 230 -9.63 -10.99 -17.67
CA ILE A 230 -10.11 -11.19 -16.31
C ILE A 230 -11.53 -10.64 -16.17
N VAL A 231 -11.89 -9.63 -16.94
CA VAL A 231 -13.21 -9.03 -16.78
C VAL A 231 -14.35 -9.99 -17.12
N THR A 232 -14.20 -10.71 -18.23
CA THR A 232 -15.19 -11.73 -18.62
C THR A 232 -15.32 -12.78 -17.53
N GLN A 233 -14.17 -13.25 -17.03
CA GLN A 233 -14.19 -14.27 -15.99
C GLN A 233 -15.00 -13.78 -14.76
N LEU A 234 -14.85 -12.50 -14.40
CA LEU A 234 -15.50 -12.00 -13.18
C LEU A 234 -16.99 -11.74 -13.34
N ILE A 235 -17.41 -11.41 -14.55
CA ILE A 235 -18.81 -11.01 -14.73
C ILE A 235 -19.70 -12.17 -15.25
N GLN A 236 -19.09 -13.34 -15.50
CA GLN A 236 -19.81 -14.55 -15.91
C GLN A 236 -19.84 -15.55 -14.79
N ALA A 237 -20.93 -16.33 -14.68
CA ALA A 237 -21.00 -17.40 -13.64
C ALA A 237 -19.79 -18.33 -13.65
N ASP A 238 -19.13 -18.51 -12.50
CA ASP A 238 -18.04 -19.49 -12.39
C ASP A 238 -18.51 -20.92 -12.10
N ILE A 239 -17.58 -21.84 -11.84
CA ILE A 239 -18.02 -23.21 -11.57
C ILE A 239 -18.87 -23.43 -10.32
N ASP A 240 -18.94 -22.39 -9.46
CA ASP A 240 -19.92 -22.54 -8.37
C ASP A 240 -21.08 -21.54 -8.51
N GLY A 241 -21.27 -21.01 -9.73
CA GLY A 241 -22.40 -20.16 -10.03
C GLY A 241 -22.27 -18.72 -9.61
N GLU A 242 -21.07 -18.24 -9.28
CA GLU A 242 -21.03 -16.88 -8.71
C GLU A 242 -20.37 -15.91 -9.71
N LYS A 243 -20.79 -14.66 -9.67
CA LYS A 243 -20.24 -13.62 -10.54
C LYS A 243 -20.41 -12.23 -9.98
N LEU A 244 -19.56 -11.28 -10.38
CA LEU A 244 -19.86 -9.87 -10.01
C LEU A 244 -21.01 -9.28 -10.81
N SER A 245 -21.95 -8.61 -10.11
CA SER A 245 -22.94 -7.72 -10.79
C SER A 245 -22.13 -6.55 -11.40
N ASP A 246 -22.74 -5.73 -12.25
CA ASP A 246 -21.99 -4.57 -12.81
C ASP A 246 -21.55 -3.62 -11.66
N ASP A 247 -22.46 -3.42 -10.72
CA ASP A 247 -22.18 -2.64 -9.56
C ASP A 247 -20.97 -3.16 -8.78
N GLU A 248 -20.93 -4.46 -8.48
CA GLU A 248 -19.80 -5.05 -7.73
C GLU A 248 -18.55 -4.89 -8.62
N PHE A 249 -18.64 -5.01 -9.93
CA PHE A 249 -17.47 -4.86 -10.76
C PHE A 249 -16.97 -3.40 -10.63
N GLY A 250 -17.90 -2.42 -10.63
CA GLY A 250 -17.53 -1.01 -10.44
C GLY A 250 -16.71 -0.81 -9.14
N PHE A 251 -17.17 -1.41 -8.04
CA PHE A 251 -16.47 -1.30 -6.75
C PHE A 251 -15.17 -2.10 -6.72
N PHE A 252 -15.12 -3.14 -7.55
CA PHE A 252 -13.88 -3.89 -7.66
C PHE A 252 -12.83 -3.00 -8.38
N VAL A 253 -13.24 -2.29 -9.45
CA VAL A 253 -12.28 -1.45 -10.14
C VAL A 253 -11.77 -0.31 -9.24
N VAL A 254 -12.71 0.29 -8.51
CA VAL A 254 -12.32 1.32 -7.56
C VAL A 254 -11.32 0.74 -6.51
N MET A 255 -11.60 -0.49 -6.04
N MET A 255 -11.57 -0.47 -6.02
CA MET A 255 -10.73 -1.20 -5.13
CA MET A 255 -10.62 -1.00 -5.07
C MET A 255 -9.31 -1.30 -5.68
C MET A 255 -9.24 -1.25 -5.68
N LEU A 256 -9.18 -1.71 -6.95
CA LEU A 256 -7.84 -1.84 -7.53
C LEU A 256 -7.19 -0.48 -7.68
N ALA A 257 -7.98 0.54 -8.07
CA ALA A 257 -7.38 1.84 -8.33
C ALA A 257 -6.75 2.45 -7.07
N VAL A 258 -7.30 2.16 -5.89
CA VAL A 258 -6.73 2.65 -4.66
C VAL A 258 -5.74 1.63 -4.02
N ALA A 259 -5.98 0.35 -4.19
CA ALA A 259 -5.07 -0.60 -3.50
C ALA A 259 -3.72 -0.71 -4.24
N GLY A 260 -3.69 -0.48 -5.55
CA GLY A 260 -2.50 -0.91 -6.30
C GLY A 260 -1.71 0.24 -6.90
N ASN A 261 -2.05 1.46 -6.58
CA ASN A 261 -1.42 2.63 -7.24
C ASN A 261 -0.29 3.19 -6.36
N GLU A 262 -0.66 3.99 -5.32
CA GLU A 262 0.34 4.63 -4.50
C GLU A 262 1.14 3.60 -3.69
N THR A 263 0.52 2.45 -3.37
CA THR A 263 1.30 1.41 -2.66
C THR A 263 2.55 0.97 -3.47
N THR A 264 2.34 0.48 -4.69
CA THR A 264 3.49 0.04 -5.49
C THR A 264 4.43 1.20 -5.81
N ARG A 265 3.81 2.36 -6.12
CA ARG A 265 4.60 3.55 -6.45
C ARG A 265 5.60 3.85 -5.29
N ASN A 266 5.09 3.86 -4.05
CA ASN A 266 5.94 4.12 -2.89
C ASN A 266 6.96 3.03 -2.59
N SER A 267 6.64 1.79 -2.92
N SER A 267 6.64 1.80 -2.91
CA SER A 267 7.64 0.73 -2.83
CA SER A 267 7.65 0.76 -2.84
C SER A 267 8.81 0.97 -3.82
C SER A 267 8.83 1.11 -3.76
N ILE A 268 8.51 1.52 -5.00
CA ILE A 268 9.56 1.75 -6.02
C ILE A 268 10.44 2.94 -5.50
N THR A 269 9.79 4.05 -5.10
CA THR A 269 10.60 5.18 -4.64
C THR A 269 11.48 4.79 -3.45
N GLN A 270 10.88 4.14 -2.47
CA GLN A 270 11.67 3.86 -1.24
C GLN A 270 12.64 2.70 -1.46
N GLY A 271 12.36 1.81 -2.42
CA GLY A 271 13.37 0.80 -2.78
C GLY A 271 14.62 1.53 -3.36
N MET A 272 14.41 2.51 -4.21
CA MET A 272 15.54 3.26 -4.79
C MET A 272 16.27 4.06 -3.69
N MET A 273 15.50 4.64 -2.75
CA MET A 273 16.12 5.38 -1.64
C MET A 273 16.98 4.37 -0.85
N ALA A 274 16.50 3.13 -0.67
CA ALA A 274 17.31 2.11 0.02
C ALA A 274 18.57 1.77 -0.76
N PHE A 275 18.47 1.64 -2.08
CA PHE A 275 19.69 1.37 -2.86
C PHE A 275 20.67 2.51 -2.77
N ALA A 276 20.19 3.75 -2.72
CA ALA A 276 21.08 4.91 -2.58
C ALA A 276 21.81 4.91 -1.25
N GLU A 277 21.13 4.43 -0.21
CA GLU A 277 21.70 4.34 1.11
C GLU A 277 22.64 3.12 1.26
N HIS A 278 22.45 2.13 0.40
CA HIS A 278 23.17 0.83 0.53
C HIS A 278 23.83 0.49 -0.81
N PRO A 279 24.88 1.25 -1.16
CA PRO A 279 25.42 1.10 -2.53
C PRO A 279 25.93 -0.31 -2.81
N ASP A 280 26.39 -1.05 -1.80
CA ASP A 280 26.83 -2.44 -2.07
C ASP A 280 25.66 -3.33 -2.50
N GLN A 281 24.45 -3.09 -1.94
CA GLN A 281 23.29 -3.80 -2.39
C GLN A 281 22.90 -3.43 -3.83
N TRP A 282 23.06 -2.14 -4.18
CA TRP A 282 22.75 -1.72 -5.54
C TRP A 282 23.74 -2.36 -6.55
N GLU A 283 25.05 -2.40 -6.21
CA GLU A 283 26.00 -3.09 -7.06
C GLU A 283 25.66 -4.56 -7.25
N LEU A 284 25.28 -5.22 -6.15
CA LEU A 284 24.91 -6.64 -6.24
C LEU A 284 23.63 -6.79 -7.10
N TYR A 285 22.68 -5.90 -6.88
CA TYR A 285 21.44 -5.98 -7.64
C TYR A 285 21.72 -5.84 -9.14
N LYS A 286 22.48 -4.84 -9.49
CA LYS A 286 22.69 -4.59 -10.92
C LYS A 286 23.28 -5.81 -11.65
N LYS A 287 24.13 -6.56 -10.98
CA LYS A 287 24.72 -7.73 -11.65
C LYS A 287 23.70 -8.88 -11.70
N VAL A 288 23.12 -9.20 -10.52
CA VAL A 288 22.43 -10.45 -10.25
C VAL A 288 20.88 -10.37 -10.46
N ARG A 289 20.31 -9.17 -10.29
CA ARG A 289 18.87 -8.92 -10.43
C ARG A 289 18.03 -9.99 -9.68
N PRO A 290 18.33 -10.23 -8.38
CA PRO A 290 17.56 -11.32 -7.67
C PRO A 290 16.08 -10.98 -7.55
N GLU A 291 15.20 -11.95 -7.81
CA GLU A 291 13.78 -11.69 -7.70
C GLU A 291 13.35 -11.56 -6.23
N THR A 292 14.21 -11.96 -5.29
CA THR A 292 13.95 -11.72 -3.86
C THR A 292 14.03 -10.24 -3.53
N ALA A 293 14.60 -9.43 -4.40
CA ALA A 293 14.68 -8.00 -4.11
C ALA A 293 13.30 -7.42 -3.88
N ALA A 294 12.28 -7.85 -4.64
CA ALA A 294 11.01 -7.16 -4.50
C ALA A 294 10.47 -7.30 -3.07
N ASP A 295 10.53 -8.46 -2.48
CA ASP A 295 10.06 -8.60 -1.10
C ASP A 295 10.84 -7.76 -0.08
N GLU A 296 12.17 -7.67 -0.23
CA GLU A 296 12.94 -6.85 0.69
C GLU A 296 12.56 -5.37 0.47
N ILE A 297 12.33 -4.96 -0.79
CA ILE A 297 11.88 -3.58 -1.06
C ILE A 297 10.51 -3.33 -0.41
N VAL A 298 9.59 -4.32 -0.48
CA VAL A 298 8.31 -4.10 0.17
C VAL A 298 8.46 -4.07 1.70
N ARG A 299 9.28 -4.94 2.27
CA ARG A 299 9.49 -4.88 3.72
C ARG A 299 10.07 -3.51 4.09
N TRP A 300 11.10 -3.09 3.34
CA TRP A 300 11.79 -1.84 3.70
C TRP A 300 10.84 -0.64 3.52
N ALA A 301 10.10 -0.63 2.42
CA ALA A 301 9.23 0.50 2.10
C ALA A 301 7.93 0.51 2.93
N THR A 302 7.41 -0.67 3.35
CA THR A 302 6.10 -0.77 4.07
C THR A 302 5.14 0.35 3.65
N PRO A 303 4.68 0.30 2.39
CA PRO A 303 3.87 1.42 1.90
C PRO A 303 2.62 1.70 2.69
N VAL A 304 1.97 0.65 3.21
CA VAL A 304 0.83 0.85 4.17
C VAL A 304 1.49 0.75 5.56
N THR A 305 1.57 1.89 6.24
CA THR A 305 2.14 1.89 7.63
C THR A 305 1.29 1.07 8.57
N ALA A 306 -0.03 1.20 8.42
CA ALA A 306 -0.91 0.53 9.38
C ALA A 306 -2.30 0.39 8.74
N PHE A 307 -2.95 -0.75 9.07
CA PHE A 307 -4.39 -0.87 8.93
C PHE A 307 -4.97 -1.33 10.26
N GLN A 308 -6.26 -1.03 10.49
CA GLN A 308 -6.90 -1.40 11.76
C GLN A 308 -7.96 -2.50 11.57
N ARG A 309 -8.39 -2.95 12.73
CA ARG A 309 -9.56 -3.83 12.88
C ARG A 309 -10.31 -3.34 14.12
N THR A 310 -11.54 -3.83 14.32
CA THR A 310 -12.31 -3.55 15.57
C THR A 310 -12.73 -4.88 16.18
N ALA A 311 -12.44 -5.04 17.47
CA ALA A 311 -12.85 -6.26 18.18
C ALA A 311 -14.38 -6.31 18.27
N LEU A 312 -14.96 -7.43 17.87
CA LEU A 312 -16.40 -7.68 18.02
C LEU A 312 -16.74 -8.43 19.29
N ARG A 313 -15.72 -8.93 19.96
CA ARG A 313 -15.89 -9.57 21.27
C ARG A 313 -14.59 -9.34 22.06
N ASP A 314 -14.69 -9.52 23.38
CA ASP A 314 -13.47 -9.47 24.19
C ASP A 314 -12.51 -10.55 23.72
N TYR A 315 -11.22 -10.22 23.68
CA TYR A 315 -10.21 -11.16 23.18
C TYR A 315 -8.87 -10.88 23.89
N GLU A 316 -8.22 -11.93 24.45
CA GLU A 316 -6.94 -11.73 25.08
C GLU A 316 -5.84 -12.00 24.07
N LEU A 317 -5.11 -10.95 23.76
CA LEU A 317 -4.02 -10.96 22.77
C LEU A 317 -2.69 -10.78 23.48
N SER A 318 -1.82 -11.83 23.44
CA SER A 318 -0.53 -11.73 24.13
C SER A 318 -0.62 -11.08 25.48
N GLY A 319 -1.54 -11.59 26.27
CA GLY A 319 -1.67 -11.12 27.66
C GLY A 319 -2.40 -9.81 27.84
N VAL A 320 -2.88 -9.20 26.76
CA VAL A 320 -3.62 -7.94 26.90
C VAL A 320 -5.09 -8.19 26.66
N GLN A 321 -5.92 -7.66 27.55
CA GLN A 321 -7.39 -7.90 27.40
C GLN A 321 -8.03 -6.84 26.50
N ILE A 322 -8.23 -7.17 25.24
N ILE A 322 -8.18 -7.16 25.22
CA ILE A 322 -8.87 -6.23 24.34
CA ILE A 322 -8.82 -6.26 24.28
C ILE A 322 -10.36 -6.41 24.50
C ILE A 322 -10.32 -6.40 24.62
N LYS A 323 -11.07 -5.29 24.57
CA LYS A 323 -12.51 -5.30 24.85
C LYS A 323 -13.30 -5.11 23.57
N LYS A 324 -14.50 -5.73 23.54
CA LYS A 324 -15.47 -5.56 22.49
C LYS A 324 -15.63 -4.08 22.14
N GLY A 325 -15.46 -3.75 20.86
CA GLY A 325 -15.68 -2.40 20.38
C GLY A 325 -14.39 -1.60 20.24
N GLN A 326 -13.31 -2.10 20.83
CA GLN A 326 -12.04 -1.36 20.72
C GLN A 326 -11.32 -1.65 19.40
N ARG A 327 -10.67 -0.61 18.91
CA ARG A 327 -9.87 -0.77 17.66
C ARG A 327 -8.47 -1.25 18.00
N VAL A 328 -7.92 -2.06 17.09
CA VAL A 328 -6.49 -2.43 17.18
C VAL A 328 -5.87 -1.95 15.85
N VAL A 329 -4.71 -1.32 15.93
CA VAL A 329 -4.08 -0.75 14.72
C VAL A 329 -2.81 -1.61 14.53
N MET A 330 -2.77 -2.33 13.40
CA MET A 330 -1.62 -3.16 13.07
C MET A 330 -0.53 -2.34 12.41
N PHE A 331 0.56 -2.04 13.13
CA PHE A 331 1.61 -1.18 12.54
C PHE A 331 2.56 -2.09 11.77
N TYR A 332 2.24 -2.34 10.50
CA TYR A 332 3.13 -3.14 9.63
C TYR A 332 4.54 -2.53 9.61
N ARG A 333 4.67 -1.20 9.75
CA ARG A 333 6.00 -0.55 9.77
C ARG A 333 6.82 -1.04 10.99
N SER A 334 6.16 -1.33 12.10
CA SER A 334 6.87 -1.88 13.26
C SER A 334 7.15 -3.36 13.09
N ALA A 335 6.12 -4.10 12.69
CA ALA A 335 6.18 -5.56 12.57
C ALA A 335 7.29 -5.95 11.58
N ASN A 336 7.47 -5.16 10.51
CA ASN A 336 8.47 -5.47 9.50
C ASN A 336 9.92 -5.22 9.97
N PHE A 337 10.11 -4.73 11.20
CA PHE A 337 11.41 -4.52 11.76
C PHE A 337 11.52 -5.26 13.09
N ASP A 338 10.70 -6.31 13.25
CA ASP A 338 10.62 -7.04 14.53
C ASP A 338 11.92 -7.89 14.68
N GLU A 339 12.70 -7.53 15.68
CA GLU A 339 13.99 -8.12 15.94
C GLU A 339 13.90 -9.63 16.29
N GLU A 340 12.74 -10.11 16.71
CA GLU A 340 12.56 -11.50 17.06
C GLU A 340 12.24 -12.37 15.83
N VAL A 341 11.94 -11.71 14.71
CA VAL A 341 11.53 -12.43 13.53
C VAL A 341 12.63 -12.32 12.48
N PHE A 342 13.09 -11.09 12.23
CA PHE A 342 14.07 -10.88 11.18
C PHE A 342 15.46 -10.89 11.73
N GLN A 343 16.36 -11.48 10.98
CA GLN A 343 17.79 -11.30 11.35
C GLN A 343 18.28 -9.91 11.00
N ASP A 344 18.65 -9.09 11.97
CA ASP A 344 19.11 -7.72 11.63
C ASP A 344 18.15 -7.02 10.64
N PRO A 345 16.95 -6.75 11.12
CA PRO A 345 15.92 -6.05 10.29
C PRO A 345 16.37 -4.65 9.77
N PHE A 346 17.32 -3.98 10.45
CA PHE A 346 17.73 -2.63 10.05
C PHE A 346 18.82 -2.61 9.00
N THR A 347 19.10 -3.80 8.47
CA THR A 347 19.99 -3.98 7.31
C THR A 347 19.13 -4.25 6.09
N PHE A 348 19.39 -3.57 4.99
CA PHE A 348 18.63 -3.84 3.74
C PHE A 348 19.39 -4.93 2.98
N ASN A 349 18.72 -6.07 2.79
CA ASN A 349 19.39 -7.24 2.20
C ASN A 349 18.50 -7.82 1.10
N ILE A 350 18.85 -7.55 -0.13
CA ILE A 350 18.01 -7.97 -1.26
C ILE A 350 17.94 -9.49 -1.43
N LEU A 351 18.85 -10.21 -0.73
CA LEU A 351 18.84 -11.71 -0.77
C LEU A 351 18.10 -12.34 0.38
N ARG A 352 17.49 -11.51 1.25
CA ARG A 352 16.85 -12.06 2.43
C ARG A 352 15.84 -13.16 2.03
N ASN A 353 15.95 -14.36 2.60
CA ASN A 353 15.08 -15.45 2.21
C ASN A 353 15.25 -16.53 3.29
N PRO A 354 14.15 -16.95 3.98
CA PRO A 354 12.78 -16.43 3.86
C PRO A 354 12.69 -14.97 4.26
N ASN A 355 11.59 -14.36 3.85
CA ASN A 355 11.35 -12.99 4.19
C ASN A 355 9.93 -12.86 4.63
N PRO A 356 9.68 -13.07 5.91
CA PRO A 356 8.26 -13.17 6.31
C PRO A 356 7.59 -11.84 6.67
N HIS A 357 7.88 -10.81 5.87
CA HIS A 357 7.32 -9.50 6.12
C HIS A 357 5.78 -9.49 5.93
N VAL A 358 5.17 -8.48 6.56
CA VAL A 358 3.71 -8.28 6.48
C VAL A 358 3.40 -6.98 5.75
N GLY A 359 4.26 -6.58 4.79
CA GLY A 359 3.93 -5.40 3.96
C GLY A 359 2.63 -5.60 3.15
N PHE A 360 2.31 -6.83 2.78
CA PHE A 360 1.03 -7.19 2.08
C PHE A 360 -0.03 -7.65 3.07
N GLY A 361 0.18 -7.42 4.39
CA GLY A 361 -0.76 -7.86 5.46
C GLY A 361 -0.21 -9.10 6.15
N GLY A 362 -0.86 -9.43 7.26
CA GLY A 362 -0.65 -10.69 7.91
C GLY A 362 -1.49 -11.67 7.06
N THR A 363 -1.02 -12.85 6.94
CA THR A 363 -1.76 -13.95 6.37
C THR A 363 -3.19 -14.01 6.95
N GLY A 364 -4.16 -14.21 6.09
CA GLY A 364 -5.57 -14.18 6.50
C GLY A 364 -6.42 -13.89 5.28
N ALA A 365 -7.70 -13.64 5.55
CA ALA A 365 -8.70 -13.53 4.46
C ALA A 365 -8.45 -12.33 3.53
N HIS A 366 -7.87 -11.27 4.09
CA HIS A 366 -7.69 -10.02 3.30
C HIS A 366 -6.29 -9.87 2.73
N TYR A 367 -5.42 -10.89 2.86
CA TYR A 367 -4.04 -10.76 2.40
C TYR A 367 -4.02 -10.24 0.95
N CYS A 368 -3.12 -9.28 0.69
CA CYS A 368 -3.12 -8.53 -0.59
C CYS A 368 -3.27 -9.50 -1.77
N ILE A 369 -4.34 -9.35 -2.54
CA ILE A 369 -4.55 -10.27 -3.70
C ILE A 369 -3.65 -9.86 -4.86
N GLY A 370 -3.15 -8.65 -4.79
CA GLY A 370 -2.27 -8.09 -5.85
C GLY A 370 -0.79 -8.34 -5.62
N ALA A 371 -0.45 -9.10 -4.57
CA ALA A 371 0.97 -9.19 -4.14
C ALA A 371 1.87 -9.66 -5.30
N ASN A 372 1.45 -10.69 -6.06
CA ASN A 372 2.37 -11.15 -7.13
C ASN A 372 2.46 -10.14 -8.27
N LEU A 373 1.36 -9.44 -8.56
CA LEU A 373 1.44 -8.40 -9.56
C LEU A 373 2.37 -7.27 -9.07
N ALA A 374 2.23 -6.86 -7.79
CA ALA A 374 3.13 -5.83 -7.24
C ALA A 374 4.60 -6.27 -7.32
N ARG A 375 4.90 -7.50 -6.93
CA ARG A 375 6.29 -7.94 -6.97
C ARG A 375 6.82 -7.92 -8.45
N MET A 376 5.98 -8.36 -9.42
CA MET A 376 6.41 -8.36 -10.80
C MET A 376 6.65 -6.91 -11.26
N THR A 377 5.77 -5.99 -10.84
CA THR A 377 5.94 -4.60 -11.26
C THR A 377 7.27 -4.06 -10.71
N ILE A 378 7.52 -4.32 -9.42
CA ILE A 378 8.75 -3.87 -8.75
C ILE A 378 10.00 -4.50 -9.40
N ASN A 379 9.98 -5.81 -9.65
CA ASN A 379 11.17 -6.42 -10.27
C ASN A 379 11.40 -5.87 -11.69
N LEU A 380 10.31 -5.65 -12.46
CA LEU A 380 10.51 -5.13 -13.84
C LEU A 380 11.05 -3.71 -13.82
N ILE A 381 10.50 -2.83 -12.97
CA ILE A 381 11.00 -1.43 -12.99
C ILE A 381 12.47 -1.39 -12.50
N PHE A 382 12.84 -2.20 -11.47
CA PHE A 382 14.26 -2.16 -11.02
C PHE A 382 15.20 -2.75 -12.05
N ASN A 383 14.74 -3.75 -12.82
CA ASN A 383 15.57 -4.24 -13.90
C ASN A 383 15.83 -3.08 -14.89
N ALA A 384 14.78 -2.30 -15.17
CA ALA A 384 14.89 -1.24 -16.18
C ALA A 384 15.77 -0.09 -15.66
N VAL A 385 15.64 0.25 -14.37
CA VAL A 385 16.52 1.26 -13.76
C VAL A 385 17.96 0.79 -13.82
N ALA A 386 18.22 -0.47 -13.48
CA ALA A 386 19.57 -0.99 -13.56
C ALA A 386 20.10 -0.88 -15.03
N ASP A 387 19.21 -1.16 -15.98
CA ASP A 387 19.63 -1.16 -17.40
C ASP A 387 19.96 0.24 -17.82
N HIS A 388 19.16 1.24 -17.42
CA HIS A 388 19.20 2.55 -18.13
C HIS A 388 19.83 3.67 -17.30
N MET A 389 19.89 3.51 -15.97
CA MET A 389 20.41 4.58 -15.10
C MET A 389 21.20 3.97 -13.92
N PRO A 390 22.19 3.11 -14.25
CA PRO A 390 22.90 2.38 -13.17
C PRO A 390 23.67 3.27 -12.19
N ASP A 391 23.95 4.53 -12.58
CA ASP A 391 24.78 5.37 -11.74
C ASP A 391 23.98 6.48 -11.07
N LEU A 392 22.65 6.33 -10.99
CA LEU A 392 21.85 7.44 -10.44
C LEU A 392 22.27 7.83 -9.02
N LYS A 393 22.17 9.12 -8.74
CA LYS A 393 22.45 9.67 -7.35
C LYS A 393 21.37 10.67 -7.03
N PRO A 394 20.94 10.71 -5.77
CA PRO A 394 19.95 11.73 -5.48
C PRO A 394 20.54 13.16 -5.54
N ILE A 395 19.67 14.15 -5.79
CA ILE A 395 20.04 15.57 -5.74
C ILE A 395 19.63 16.19 -4.39
N SER A 396 18.47 15.79 -3.87
CA SER A 396 17.99 16.37 -2.63
C SER A 396 17.09 15.36 -1.93
N ALA A 397 16.80 15.66 -0.67
CA ALA A 397 16.04 14.72 0.16
C ALA A 397 14.63 14.53 -0.34
N PRO A 398 14.09 13.31 -0.11
CA PRO A 398 12.67 13.07 -0.46
C PRO A 398 11.72 14.02 0.27
N GLU A 399 10.61 14.32 -0.36
CA GLU A 399 9.49 15.05 0.29
C GLU A 399 8.42 14.01 0.64
N ARG A 400 8.17 13.86 1.95
CA ARG A 400 7.22 12.85 2.40
C ARG A 400 5.76 13.34 2.38
N LEU A 401 4.84 12.40 2.31
CA LEU A 401 3.43 12.69 2.24
C LEU A 401 2.81 12.84 3.67
N ARG A 402 2.00 13.87 3.87
N ARG A 402 2.00 13.87 3.87
CA ARG A 402 1.27 13.99 5.16
CA ARG A 402 1.27 14.00 5.15
C ARG A 402 0.04 13.05 5.12
C ARG A 402 0.05 13.05 5.13
N SER A 403 0.18 11.91 5.79
CA SER A 403 -0.90 10.91 5.90
C SER A 403 -0.63 10.18 7.22
N GLY A 404 -1.69 9.77 7.91
CA GLY A 404 -1.50 9.03 9.12
C GLY A 404 -1.45 7.52 8.97
N TRP A 405 -1.50 7.02 7.75
CA TRP A 405 -1.45 5.57 7.52
C TRP A 405 -0.75 5.12 6.28
N LEU A 406 -0.64 6.01 5.27
CA LEU A 406 0.06 5.68 4.04
C LEU A 406 1.46 6.28 4.17
N ASN A 407 2.47 5.48 3.84
CA ASN A 407 3.87 5.93 3.90
C ASN A 407 4.31 6.36 2.51
N GLY A 408 4.15 7.65 2.21
CA GLY A 408 4.30 8.13 0.81
C GLY A 408 5.45 9.06 0.63
N ILE A 409 5.99 9.04 -0.58
CA ILE A 409 7.02 10.00 -1.00
C ILE A 409 6.38 10.78 -2.16
N LYS A 410 6.20 12.11 -1.97
CA LYS A 410 5.58 12.91 -3.02
C LYS A 410 6.55 13.18 -4.16
N HIS A 411 7.83 13.49 -3.82
CA HIS A 411 8.80 13.98 -4.83
C HIS A 411 10.18 13.58 -4.35
N TRP A 412 11.08 13.33 -5.30
CA TRP A 412 12.44 13.02 -4.91
C TRP A 412 13.29 13.38 -6.10
N GLN A 413 14.09 14.47 -5.94
CA GLN A 413 14.86 14.94 -7.11
C GLN A 413 16.16 14.09 -7.26
N VAL A 414 16.37 13.49 -8.43
N VAL A 414 16.37 13.50 -8.43
CA VAL A 414 17.51 12.58 -8.64
CA VAL A 414 17.45 12.51 -8.69
C VAL A 414 18.23 12.96 -9.94
C VAL A 414 18.21 12.88 -9.97
N ASP A 415 19.54 12.74 -9.93
CA ASP A 415 20.36 12.85 -11.13
C ASP A 415 20.54 11.41 -11.67
N TYR A 416 19.80 11.09 -12.74
CA TYR A 416 19.79 9.73 -13.29
C TYR A 416 21.16 9.32 -13.81
N THR A 417 21.98 10.32 -14.16
CA THR A 417 23.29 10.02 -14.75
C THR A 417 24.41 9.80 -13.75
N GLY A 418 24.24 10.30 -12.53
CA GLY A 418 25.30 10.27 -11.52
C GLY A 418 26.46 11.22 -11.79
N ARG A 419 26.37 12.04 -12.86
CA ARG A 419 27.49 12.91 -13.23
C ARG A 419 27.51 14.26 -12.53
N LEU A 420 26.35 14.72 -12.04
CA LEU A 420 26.35 16.03 -11.34
C LEU A 420 27.10 15.95 -10.01
N PRO A 421 27.62 17.10 -9.55
CA PRO A 421 28.32 17.08 -8.27
C PRO A 421 27.28 16.99 -7.15
N VAL A 422 27.66 16.30 -6.10
CA VAL A 422 26.82 16.22 -4.87
C VAL A 422 27.59 16.88 -3.72
N ALA A 423 26.89 17.40 -2.74
CA ALA A 423 27.51 17.90 -1.48
C ALA A 423 28.38 16.85 -0.76
#